data_7YRZ
#
_entry.id   7YRZ
#
_cell.length_a   53.395
_cell.length_b   76.217
_cell.length_c   77.268
_cell.angle_alpha   90.000
_cell.angle_beta   90.789
_cell.angle_gamma   90.000
#
_symmetry.space_group_name_H-M   'P 1 21 1'
#
loop_
_entity.id
_entity.type
_entity.pdbx_description
1 polymer '3C-like proteinase'
2 non-polymer (1R,2S,5S)-N-{(1E,2S)-1-imino-3-[(3S)-2-oxopyrrolidin-3-yl]propan-2-yl}-6,6-dimethyl-3-[3-methyl-N-(trifluoroacetyl)-L-valyl]-3-azabicyclo[3.1.0]hexane-2-carboxamide
3 water water
#
_entity_poly.entity_id   1
_entity_poly.type   'polypeptide(L)'
_entity_poly.pdbx_seq_one_letter_code
;AGLRKMAQPSGFVEKCVVRVCYGNTVLNGLWLGDIVYCPRHVIASNTTSAIDYDHEYSIMRLHNFSIISGTAFLGVVGAT
MHGVTLKIKVSQTNMHTPRHSFRTLKSGEGFNILACYDGCAQGVFGVNMRTNWTIRGSFINGACGSPGYNLKNGEVEFVY
MHQIELGSGSHVGSSFDGVMYGGFEDQPNLQVESANQMLTVNVVAFLYAAILNGCTWWLKGEKLFVEHYNEWAQANGFTA
MNGEDAFSILAAKTGVCVERLLHAIQVLNNGFGGKQILGYSSLNDEFSINEVVKQMFGVNLQ
;
_entity_poly.pdbx_strand_id   A,B
#
loop_
_chem_comp.id
_chem_comp.type
_chem_comp.name
_chem_comp.formula
4WI non-polymer (1R,2S,5S)-N-{(1E,2S)-1-imino-3-[(3S)-2-oxopyrrolidin-3-yl]propan-2-yl}-6,6-dimethyl-3-[3-methyl-N-(trifluoroacetyl)-L-valyl]-3-azabicyclo[3.1.0]hexane-2-carboxamide 'C23 H34 F3 N5 O4'
#
# COMPACT_ATOMS: atom_id res chain seq x y z
N GLY A 2 -10.57 5.47 -10.14
CA GLY A 2 -9.14 5.49 -9.93
C GLY A 2 -8.54 4.10 -9.85
N LEU A 3 -7.21 4.05 -9.78
CA LEU A 3 -6.48 2.78 -9.71
C LEU A 3 -5.35 2.96 -8.70
N ARG A 4 -5.42 2.23 -7.59
CA ARG A 4 -4.42 2.34 -6.53
C ARG A 4 -3.85 0.96 -6.24
N LYS A 5 -2.52 0.90 -6.10
CA LYS A 5 -1.86 -0.35 -5.74
C LYS A 5 -2.09 -0.59 -4.25
N MET A 6 -2.95 -1.55 -3.92
CA MET A 6 -3.32 -1.82 -2.54
C MET A 6 -2.67 -3.11 -2.06
N ALA A 7 -2.53 -3.20 -0.75
CA ALA A 7 -2.22 -4.46 -0.11
C ALA A 7 -3.52 -5.08 0.37
N GLN A 8 -3.56 -6.41 0.38
CA GLN A 8 -4.63 -7.08 1.08
C GLN A 8 -4.45 -6.89 2.58
N PRO A 9 -5.54 -6.87 3.34
CA PRO A 9 -5.44 -6.62 4.78
C PRO A 9 -4.51 -7.61 5.48
N SER A 10 -3.85 -7.13 6.53
CA SER A 10 -2.74 -7.82 7.19
C SER A 10 -3.13 -8.44 8.53
N GLY A 11 -4.36 -8.23 8.99
CA GLY A 11 -4.74 -8.64 10.35
C GLY A 11 -4.45 -10.10 10.65
N PHE A 12 -4.83 -11.00 9.73
CA PHE A 12 -4.61 -12.43 9.96
C PHE A 12 -3.12 -12.75 10.10
N VAL A 13 -2.27 -12.07 9.33
CA VAL A 13 -0.84 -12.39 9.36
C VAL A 13 -0.19 -11.78 10.61
N GLU A 14 -0.63 -10.58 11.00
CA GLU A 14 -0.01 -9.90 12.15
C GLU A 14 0.02 -10.78 13.40
N LYS A 15 -1.06 -11.53 13.65
CA LYS A 15 -1.09 -12.38 14.83
C LYS A 15 -0.08 -13.53 14.77
N CYS A 16 0.58 -13.74 13.64
CA CYS A 16 1.52 -14.84 13.53
C CYS A 16 2.97 -14.41 13.62
N VAL A 17 3.25 -13.11 13.61
CA VAL A 17 4.63 -12.63 13.62
C VAL A 17 5.22 -12.74 15.02
N VAL A 18 6.42 -13.29 15.13
CA VAL A 18 7.13 -13.35 16.40
C VAL A 18 8.55 -12.81 16.23
N ARG A 19 9.17 -12.52 17.36
CA ARG A 19 10.58 -12.16 17.39
C ARG A 19 11.39 -13.44 17.64
N VAL A 20 12.38 -13.70 16.79
CA VAL A 20 13.26 -14.85 16.98
C VAL A 20 14.65 -14.32 17.29
N CYS A 21 15.14 -14.59 18.51
CA CYS A 21 16.49 -14.23 18.92
C CYS A 21 17.34 -15.49 19.07
N TYR A 22 18.58 -15.43 18.60
CA TYR A 22 19.52 -16.51 18.83
C TYR A 22 20.90 -15.91 19.02
N GLY A 23 21.50 -16.10 20.19
CA GLY A 23 22.81 -15.53 20.44
C GLY A 23 22.84 -14.05 20.14
N ASN A 24 23.72 -13.63 19.22
CA ASN A 24 23.91 -12.21 18.96
C ASN A 24 23.10 -11.68 17.77
N THR A 25 21.99 -12.32 17.41
CA THR A 25 21.16 -11.90 16.28
C THR A 25 19.67 -11.92 16.66
N VAL A 26 18.92 -10.92 16.17
CA VAL A 26 17.47 -10.87 16.30
C VAL A 26 16.87 -10.74 14.89
N LEU A 27 15.83 -11.51 14.59
CA LEU A 27 15.03 -11.23 13.39
C LEU A 27 13.59 -11.69 13.64
N ASN A 28 12.80 -11.81 12.57
CA ASN A 28 11.38 -12.16 12.69
C ASN A 28 11.13 -13.61 12.30
N GLY A 29 10.12 -14.22 12.93
CA GLY A 29 9.64 -15.52 12.52
C GLY A 29 8.13 -15.50 12.34
N LEU A 30 7.63 -16.61 11.81
CA LEU A 30 6.20 -16.79 11.52
C LEU A 30 5.74 -18.02 12.30
N TRP A 31 4.81 -17.83 13.22
CA TRP A 31 4.35 -18.89 14.11
C TRP A 31 3.02 -19.43 13.60
N LEU A 32 3.04 -20.66 13.09
CA LEU A 32 1.85 -21.32 12.56
C LEU A 32 1.76 -22.68 13.23
N GLY A 33 0.60 -23.01 13.80
CA GLY A 33 0.53 -24.24 14.56
C GLY A 33 1.54 -24.22 15.70
N ASP A 34 2.37 -25.27 15.80
CA ASP A 34 3.43 -25.30 16.80
C ASP A 34 4.81 -25.14 16.17
N ILE A 35 4.89 -24.48 15.03
CA ILE A 35 6.16 -24.29 14.34
C ILE A 35 6.40 -22.79 14.16
N VAL A 36 7.64 -22.35 14.37
CA VAL A 36 8.05 -21.01 14.00
C VAL A 36 8.99 -21.14 12.81
N TYR A 37 8.66 -20.46 11.71
CA TYR A 37 9.51 -20.42 10.52
C TYR A 37 10.36 -19.16 10.52
N CYS A 38 11.65 -19.29 10.19
CA CYS A 38 12.49 -18.10 10.11
C CYS A 38 13.72 -18.41 9.26
N PRO A 39 14.49 -17.38 8.88
CA PRO A 39 15.70 -17.62 8.09
C PRO A 39 16.75 -18.36 8.89
N ARG A 40 17.43 -19.31 8.24
CA ARG A 40 18.44 -20.08 8.98
C ARG A 40 19.63 -19.24 9.43
N HIS A 41 19.90 -18.09 8.80
CA HIS A 41 21.09 -17.35 9.20
C HIS A 41 20.96 -16.72 10.58
N VAL A 42 19.80 -16.86 11.24
CA VAL A 42 19.68 -16.44 12.62
C VAL A 42 20.68 -17.20 13.52
N ILE A 43 21.10 -18.41 13.12
CA ILE A 43 22.02 -19.17 13.98
C ILE A 43 23.47 -19.00 13.58
N ALA A 44 23.77 -18.13 12.62
CA ALA A 44 25.14 -17.93 12.17
C ALA A 44 25.84 -16.97 13.11
N SER A 45 26.91 -17.43 13.77
CA SER A 45 27.63 -16.60 14.72
C SER A 45 28.42 -15.48 14.03
N ASN A 46 28.94 -15.76 12.84
CA ASN A 46 29.86 -14.86 12.16
C ASN A 46 29.43 -14.78 10.70
N THR A 47 28.97 -13.61 10.25
CA THR A 47 28.46 -13.48 8.89
C THR A 47 29.34 -12.59 8.01
N THR A 48 30.64 -12.52 8.28
CA THR A 48 31.54 -11.70 7.48
C THR A 48 32.29 -12.50 6.43
N SER A 49 32.00 -13.79 6.30
CA SER A 49 32.63 -14.64 5.29
C SER A 49 31.69 -15.82 5.10
N ALA A 50 32.10 -16.76 4.23
CA ALA A 50 31.24 -17.89 3.87
C ALA A 50 30.78 -18.67 5.09
N ILE A 51 29.48 -18.92 5.16
CA ILE A 51 28.88 -19.61 6.30
C ILE A 51 28.74 -21.08 5.94
N ASP A 52 29.32 -21.94 6.79
CA ASP A 52 29.14 -23.39 6.71
C ASP A 52 27.90 -23.73 7.54
N TYR A 53 26.74 -23.76 6.89
CA TYR A 53 25.49 -23.91 7.64
C TYR A 53 25.36 -25.30 8.27
N ASP A 54 25.93 -26.33 7.65
CA ASP A 54 25.98 -27.63 8.31
C ASP A 54 26.74 -27.55 9.63
N HIS A 55 27.86 -26.84 9.65
CA HIS A 55 28.60 -26.68 10.91
C HIS A 55 27.83 -25.84 11.92
N GLU A 56 27.25 -24.72 11.48
CA GLU A 56 26.48 -23.89 12.41
C GLU A 56 25.32 -24.67 12.99
N TYR A 57 24.68 -25.52 12.17
CA TYR A 57 23.58 -26.31 12.68
C TYR A 57 24.06 -27.36 13.67
N SER A 58 25.22 -27.94 13.43
CA SER A 58 25.69 -28.99 14.34
C SER A 58 26.04 -28.44 15.71
N ILE A 59 26.45 -27.16 15.79
CA ILE A 59 26.79 -26.56 17.07
C ILE A 59 25.62 -25.78 17.69
N MET A 60 24.50 -25.66 16.99
CA MET A 60 23.35 -24.92 17.50
C MET A 60 22.86 -25.53 18.80
N ARG A 61 22.61 -24.70 19.80
CA ARG A 61 22.06 -25.15 21.08
C ARG A 61 20.69 -24.49 21.30
N LEU A 62 19.68 -25.31 21.59
CA LEU A 62 18.31 -24.81 21.64
C LEU A 62 18.13 -23.78 22.75
N HIS A 63 18.92 -23.85 23.82
CA HIS A 63 18.74 -22.87 24.88
C HIS A 63 19.19 -21.47 24.48
N ASN A 64 19.86 -21.32 23.33
CA ASN A 64 20.24 -19.98 22.89
C ASN A 64 19.10 -19.27 22.15
N PHE A 65 18.01 -19.97 21.84
CA PHE A 65 16.84 -19.31 21.24
C PHE A 65 16.04 -18.58 22.29
N SER A 66 15.49 -17.43 21.90
CA SER A 66 14.40 -16.81 22.63
C SER A 66 13.37 -16.41 21.59
N ILE A 67 12.14 -16.89 21.76
CA ILE A 67 11.07 -16.60 20.80
C ILE A 67 9.96 -15.89 21.54
N ILE A 68 9.58 -14.71 21.06
CA ILE A 68 8.71 -13.80 21.78
C ILE A 68 7.51 -13.48 20.90
N SER A 69 6.32 -13.79 21.40
CA SER A 69 5.08 -13.39 20.74
C SER A 69 4.50 -12.24 21.56
N GLY A 70 4.58 -11.03 21.01
CA GLY A 70 4.20 -9.85 21.76
C GLY A 70 5.09 -9.66 22.97
N THR A 71 4.60 -10.08 24.13
CA THR A 71 5.37 -10.06 25.38
C THR A 71 5.55 -11.44 26.00
N ALA A 72 5.03 -12.50 25.40
CA ALA A 72 5.09 -13.85 25.95
C ALA A 72 6.23 -14.64 25.30
N PHE A 73 7.00 -15.35 26.12
CA PHE A 73 8.04 -16.23 25.59
C PHE A 73 7.46 -17.59 25.22
N LEU A 74 7.93 -18.14 24.09
CA LEU A 74 7.55 -19.50 23.71
C LEU A 74 8.66 -20.49 24.07
N GLY A 75 8.25 -21.69 24.47
CA GLY A 75 9.22 -22.73 24.79
C GLY A 75 9.66 -23.44 23.54
N VAL A 76 10.97 -23.51 23.34
CA VAL A 76 11.53 -24.14 22.15
C VAL A 76 11.79 -25.60 22.48
N VAL A 77 11.38 -26.51 21.59
CA VAL A 77 11.57 -27.93 21.84
C VAL A 77 12.40 -28.63 20.77
N GLY A 78 12.61 -28.01 19.61
CA GLY A 78 13.41 -28.61 18.56
C GLY A 78 13.56 -27.61 17.43
N ALA A 79 14.50 -27.91 16.53
CA ALA A 79 14.71 -27.03 15.37
C ALA A 79 15.39 -27.82 14.26
N THR A 80 14.84 -27.74 13.05
CA THR A 80 15.39 -28.44 11.90
C THR A 80 15.61 -27.45 10.76
N MET A 81 16.55 -27.77 9.89
CA MET A 81 16.93 -26.88 8.81
C MET A 81 16.38 -27.43 7.50
N HIS A 82 15.76 -26.56 6.72
CA HIS A 82 15.16 -26.92 5.44
C HIS A 82 15.52 -25.83 4.45
N GLY A 83 16.42 -26.15 3.52
CA GLY A 83 16.98 -25.14 2.64
C GLY A 83 17.51 -23.97 3.44
N VAL A 84 17.03 -22.76 3.14
CA VAL A 84 17.53 -21.56 3.81
C VAL A 84 16.59 -21.16 4.96
N THR A 85 15.78 -22.09 5.45
CA THR A 85 14.92 -21.79 6.59
C THR A 85 15.16 -22.75 7.74
N LEU A 86 14.71 -22.31 8.91
CA LEU A 86 14.62 -23.11 10.10
C LEU A 86 13.14 -23.32 10.41
N LYS A 87 12.78 -24.54 10.78
CA LYS A 87 11.47 -24.83 11.37
C LYS A 87 11.72 -25.12 12.84
N ILE A 88 11.34 -24.17 13.70
CA ILE A 88 11.58 -24.28 15.12
C ILE A 88 10.30 -24.80 15.77
N LYS A 89 10.38 -25.95 16.42
CA LYS A 89 9.19 -26.50 17.06
C LYS A 89 9.06 -25.87 18.43
N VAL A 90 7.88 -25.35 18.74
CA VAL A 90 7.65 -24.70 20.02
C VAL A 90 6.57 -25.47 20.78
N SER A 91 6.46 -25.17 22.07
CA SER A 91 5.67 -25.98 22.99
C SER A 91 4.20 -25.57 23.04
N GLN A 92 3.78 -24.57 22.28
CA GLN A 92 2.37 -24.21 22.26
C GLN A 92 1.91 -23.96 20.84
N THR A 93 0.63 -24.25 20.60
CA THR A 93 -0.01 -23.98 19.32
C THR A 93 -0.44 -22.52 19.27
N ASN A 94 -0.16 -21.86 18.14
CA ASN A 94 -0.66 -20.52 17.95
C ASN A 94 -2.16 -20.61 17.73
N MET A 95 -2.95 -20.23 18.72
CA MET A 95 -4.40 -20.38 18.59
C MET A 95 -5.00 -19.36 17.62
N HIS A 96 -4.20 -18.42 17.14
CA HIS A 96 -4.61 -17.49 16.11
C HIS A 96 -4.13 -17.89 14.73
N THR A 97 -3.62 -19.11 14.56
CA THR A 97 -3.19 -19.57 13.25
C THR A 97 -4.35 -19.48 12.27
N PRO A 98 -4.21 -18.75 11.17
CA PRO A 98 -5.30 -18.67 10.20
C PRO A 98 -5.32 -19.89 9.30
N ARG A 99 -6.47 -20.11 8.66
CA ARG A 99 -6.51 -21.06 7.57
C ARG A 99 -5.45 -20.69 6.54
N HIS A 100 -4.55 -21.62 6.23
CA HIS A 100 -3.39 -21.23 5.43
C HIS A 100 -2.88 -22.38 4.58
N SER A 101 -2.05 -22.03 3.60
CA SER A 101 -1.24 -22.97 2.85
C SER A 101 0.06 -22.28 2.46
N PHE A 102 0.93 -23.00 1.76
CA PHE A 102 2.17 -22.41 1.26
C PHE A 102 2.22 -22.55 -0.24
N ARG A 103 2.68 -21.50 -0.92
CA ARG A 103 2.76 -21.51 -2.37
C ARG A 103 4.04 -20.79 -2.77
N THR A 104 4.63 -21.25 -3.87
CA THR A 104 5.80 -20.60 -4.44
C THR A 104 5.39 -19.69 -5.59
N LEU A 105 5.79 -18.41 -5.51
CA LEU A 105 5.45 -17.43 -6.53
C LEU A 105 6.11 -17.77 -7.87
N LYS A 106 5.36 -17.58 -8.94
CA LYS A 106 5.94 -17.55 -10.29
C LYS A 106 6.28 -16.12 -10.69
N SER A 107 7.05 -16.01 -11.77
CA SER A 107 7.52 -14.72 -12.26
C SER A 107 6.32 -13.81 -12.55
N GLY A 108 6.38 -12.59 -12.04
CA GLY A 108 5.33 -11.62 -12.29
C GLY A 108 4.15 -11.67 -11.33
N GLU A 109 4.09 -12.66 -10.44
CA GLU A 109 2.89 -12.85 -9.63
C GLU A 109 2.82 -11.83 -8.49
N GLY A 110 1.61 -11.33 -8.24
CA GLY A 110 1.44 -10.33 -7.19
C GLY A 110 1.27 -10.98 -5.83
N PHE A 111 1.76 -10.27 -4.80
CA PHE A 111 1.56 -10.70 -3.42
C PHE A 111 1.67 -9.46 -2.52
N ASN A 112 1.69 -9.69 -1.21
CA ASN A 112 1.73 -8.63 -0.22
C ASN A 112 2.88 -8.87 0.74
N ILE A 113 3.57 -7.81 1.15
CA ILE A 113 4.63 -7.90 2.13
C ILE A 113 4.17 -7.24 3.41
N LEU A 114 4.34 -7.93 4.53
CA LEU A 114 4.19 -7.33 5.85
C LEU A 114 5.60 -7.07 6.38
N ALA A 115 6.05 -5.82 6.33
CA ALA A 115 7.39 -5.46 6.78
C ALA A 115 7.40 -5.43 8.29
N CYS A 116 8.19 -6.31 8.91
CA CYS A 116 8.24 -6.48 10.36
C CYS A 116 9.63 -6.19 10.89
N TYR A 117 9.67 -5.66 12.12
CA TYR A 117 10.90 -5.36 12.84
C TYR A 117 10.70 -5.73 14.30
N ASP A 118 11.63 -6.51 14.86
CA ASP A 118 11.55 -6.85 16.28
C ASP A 118 10.26 -7.62 16.59
N GLY A 119 9.77 -8.39 15.63
CA GLY A 119 8.56 -9.17 15.84
C GLY A 119 7.27 -8.39 15.76
N CYS A 120 7.30 -7.21 15.18
CA CYS A 120 6.12 -6.34 15.12
C CYS A 120 5.99 -5.75 13.73
N ALA A 121 4.78 -5.84 13.17
CA ALA A 121 4.55 -5.30 11.83
C ALA A 121 4.61 -3.77 11.82
N GLN A 122 5.26 -3.22 10.80
CA GLN A 122 5.40 -1.77 10.67
C GLN A 122 4.84 -1.21 9.36
N GLY A 123 4.71 -2.02 8.33
CA GLY A 123 4.18 -1.54 7.07
C GLY A 123 3.66 -2.71 6.27
N VAL A 124 2.79 -2.41 5.32
CA VAL A 124 2.24 -3.44 4.45
C VAL A 124 2.07 -2.86 3.04
N PHE A 125 2.42 -3.65 2.02
CA PHE A 125 2.32 -3.14 0.66
C PHE A 125 2.16 -4.30 -0.32
N GLY A 126 1.47 -4.02 -1.42
CA GLY A 126 1.39 -4.99 -2.52
C GLY A 126 2.62 -4.85 -3.40
N VAL A 127 3.09 -5.98 -3.93
CA VAL A 127 4.30 -5.97 -4.75
C VAL A 127 4.20 -7.14 -5.73
N ASN A 128 4.99 -7.09 -6.80
CA ASN A 128 5.06 -8.18 -7.77
C ASN A 128 6.44 -8.82 -7.74
N MET A 129 6.48 -10.15 -7.80
CA MET A 129 7.75 -10.83 -8.01
C MET A 129 8.28 -10.51 -9.40
N ARG A 130 9.43 -9.84 -9.49
CA ARG A 130 9.94 -9.43 -10.79
C ARG A 130 10.52 -10.62 -11.55
N THR A 131 10.74 -10.42 -12.86
CA THR A 131 11.25 -11.53 -13.66
C THR A 131 12.66 -11.95 -13.24
N ASN A 132 13.40 -11.07 -12.57
CA ASN A 132 14.73 -11.41 -12.08
C ASN A 132 14.70 -11.94 -10.65
N TRP A 133 13.51 -12.23 -10.12
CA TRP A 133 13.30 -12.93 -8.86
C TRP A 133 13.67 -12.09 -7.66
N THR A 134 13.65 -10.77 -7.82
CA THR A 134 13.86 -9.83 -6.73
C THR A 134 12.63 -8.95 -6.61
N ILE A 135 12.50 -8.24 -5.51
CA ILE A 135 11.41 -7.29 -5.35
C ILE A 135 12.00 -5.97 -4.88
N ARG A 136 11.29 -4.89 -5.16
CA ARG A 136 11.67 -3.58 -4.67
C ARG A 136 10.91 -3.43 -3.35
N GLY A 137 11.55 -3.86 -2.27
CA GLY A 137 11.01 -3.70 -0.95
C GLY A 137 11.64 -2.49 -0.30
N SER A 138 11.13 -2.17 0.88
CA SER A 138 11.80 -1.21 1.74
C SER A 138 12.07 -2.02 3.00
N PHE A 139 13.25 -2.64 3.02
CA PHE A 139 13.72 -3.44 4.13
C PHE A 139 15.03 -2.84 4.61
N ILE A 140 15.14 -2.66 5.93
CA ILE A 140 16.41 -2.23 6.52
C ILE A 140 16.82 -3.28 7.54
N ASN A 141 17.83 -2.96 8.34
CA ASN A 141 18.28 -3.85 9.41
C ASN A 141 17.11 -4.40 10.21
N GLY A 142 17.10 -5.72 10.41
CA GLY A 142 16.13 -6.37 11.29
C GLY A 142 14.89 -6.88 10.60
N ALA A 143 14.79 -6.75 9.27
CA ALA A 143 13.59 -7.08 8.53
C ALA A 143 13.49 -8.55 8.13
N CYS A 144 14.56 -9.33 8.28
CA CYS A 144 14.54 -10.71 7.82
C CYS A 144 13.46 -11.50 8.54
N GLY A 145 12.86 -12.42 7.82
CA GLY A 145 11.73 -13.16 8.32
C GLY A 145 10.39 -12.51 8.06
N SER A 146 10.37 -11.24 7.61
CA SER A 146 9.12 -10.60 7.23
C SER A 146 8.40 -11.45 6.20
N PRO A 147 7.10 -11.70 6.36
CA PRO A 147 6.39 -12.63 5.48
C PRO A 147 5.69 -11.94 4.32
N GLY A 148 5.66 -12.66 3.20
CA GLY A 148 4.84 -12.30 2.05
C GLY A 148 3.67 -13.25 1.96
N TYR A 149 2.50 -12.74 1.53
CA TYR A 149 1.28 -13.52 1.62
C TYR A 149 0.30 -13.06 0.56
N ASN A 150 -0.67 -13.94 0.26
CA ASN A 150 -1.81 -13.63 -0.57
C ASN A 150 -3.06 -14.16 0.11
N LEU A 151 -4.16 -13.43 0.04
CA LEU A 151 -5.43 -13.94 0.54
C LEU A 151 -6.25 -14.46 -0.62
N LYS A 152 -6.71 -15.71 -0.52
CA LYS A 152 -7.49 -16.31 -1.59
C LYS A 152 -8.51 -17.27 -0.98
N ASN A 153 -9.78 -17.13 -1.38
CA ASN A 153 -10.81 -18.09 -0.98
C ASN A 153 -10.87 -18.31 0.54
N GLY A 154 -10.71 -17.22 1.30
CA GLY A 154 -10.70 -17.33 2.76
C GLY A 154 -9.51 -18.04 3.37
N GLU A 155 -8.38 -18.12 2.66
CA GLU A 155 -7.18 -18.79 3.14
C GLU A 155 -5.99 -17.84 2.96
N VAL A 156 -5.03 -17.90 3.88
CA VAL A 156 -3.78 -17.15 3.72
C VAL A 156 -2.76 -18.04 3.03
N GLU A 157 -2.28 -17.63 1.86
CA GLU A 157 -1.16 -18.32 1.22
C GLU A 157 0.12 -17.60 1.60
N PHE A 158 1.03 -18.30 2.24
CA PHE A 158 2.34 -17.75 2.59
C PHE A 158 3.34 -18.07 1.50
N VAL A 159 3.99 -17.03 0.94
CA VAL A 159 4.76 -17.17 -0.29
C VAL A 159 6.19 -16.65 -0.19
N TYR A 160 6.52 -15.89 0.87
CA TYR A 160 7.81 -15.21 0.89
C TYR A 160 8.28 -14.99 2.33
N MET A 161 9.56 -15.26 2.57
CA MET A 161 10.21 -14.95 3.85
C MET A 161 11.44 -14.13 3.53
N HIS A 162 11.53 -12.92 4.08
CA HIS A 162 12.59 -12.03 3.63
C HIS A 162 13.98 -12.49 4.10
N GLN A 163 14.98 -12.39 3.22
CA GLN A 163 16.30 -12.96 3.52
C GLN A 163 17.47 -12.02 3.33
N ILE A 164 17.57 -11.33 2.18
CA ILE A 164 18.81 -10.61 1.87
C ILE A 164 18.50 -9.36 1.06
N GLU A 165 19.42 -8.40 1.10
CA GLU A 165 19.43 -7.25 0.20
C GLU A 165 20.68 -7.31 -0.67
N LEU A 166 20.49 -7.22 -1.99
CA LEU A 166 21.61 -7.28 -2.91
C LEU A 166 22.31 -5.92 -2.99
N GLY A 167 23.50 -5.91 -3.60
CA GLY A 167 24.24 -4.67 -3.70
C GLY A 167 23.49 -3.58 -4.45
N SER A 168 22.65 -3.98 -5.41
CA SER A 168 21.80 -3.06 -6.15
C SER A 168 20.69 -2.44 -5.32
N GLY A 169 20.48 -2.92 -4.10
CA GLY A 169 19.35 -2.51 -3.30
C GLY A 169 18.14 -3.40 -3.45
N SER A 170 18.15 -4.34 -4.37
CA SER A 170 17.02 -5.25 -4.56
C SER A 170 16.95 -6.28 -3.42
N HIS A 171 15.75 -6.82 -3.22
CA HIS A 171 15.49 -7.69 -2.08
C HIS A 171 15.13 -9.09 -2.55
N VAL A 172 15.66 -10.08 -1.83
CA VAL A 172 15.44 -11.48 -2.16
C VAL A 172 14.94 -12.21 -0.92
N GLY A 173 13.98 -13.09 -1.11
CA GLY A 173 13.57 -13.95 -0.01
C GLY A 173 13.42 -15.37 -0.49
N SER A 174 12.87 -16.24 0.37
CA SER A 174 12.69 -17.64 0.04
C SER A 174 11.22 -18.00 0.16
N SER A 175 10.84 -19.13 -0.43
CA SER A 175 9.56 -19.72 -0.07
C SER A 175 9.66 -20.32 1.34
N PHE A 176 8.51 -20.71 1.87
CA PHE A 176 8.55 -21.37 3.16
C PHE A 176 8.99 -22.82 3.06
N ASP A 177 9.20 -23.33 1.84
CA ASP A 177 9.94 -24.58 1.64
C ASP A 177 11.43 -24.41 1.86
N GLY A 178 11.92 -23.18 2.01
CA GLY A 178 13.34 -22.96 2.13
C GLY A 178 14.08 -22.83 0.83
N VAL A 179 13.38 -22.60 -0.28
CA VAL A 179 14.03 -22.41 -1.58
C VAL A 179 14.11 -20.90 -1.82
N MET A 180 15.33 -20.37 -1.95
CA MET A 180 15.50 -18.96 -2.25
C MET A 180 14.99 -18.67 -3.66
N TYR A 181 14.17 -17.62 -3.80
CA TYR A 181 13.77 -17.17 -5.12
C TYR A 181 15.01 -16.80 -5.93
N GLY A 182 15.03 -17.22 -7.21
CA GLY A 182 16.12 -16.90 -8.11
C GLY A 182 17.43 -17.60 -7.84
N GLY A 183 17.44 -18.55 -6.90
CA GLY A 183 18.64 -19.30 -6.59
C GLY A 183 19.73 -18.53 -5.88
N PHE A 184 19.44 -17.31 -5.44
CA PHE A 184 20.43 -16.55 -4.66
C PHE A 184 20.78 -17.30 -3.38
N GLU A 185 21.92 -16.94 -2.79
CA GLU A 185 22.43 -17.63 -1.61
C GLU A 185 22.36 -16.72 -0.39
N ASP A 186 22.12 -17.33 0.78
CA ASP A 186 22.18 -16.61 2.04
C ASP A 186 23.63 -16.55 2.52
N GLN A 187 24.46 -16.01 1.65
CA GLN A 187 25.89 -15.91 1.87
C GLN A 187 26.30 -14.45 1.65
N PRO A 188 27.22 -13.94 2.46
CA PRO A 188 27.70 -12.55 2.33
C PRO A 188 28.77 -12.41 1.25
N ASN A 189 28.38 -12.62 0.01
CA ASN A 189 29.24 -12.30 -1.12
C ASN A 189 28.41 -11.55 -2.15
N LEU A 190 29.11 -10.83 -3.02
CA LEU A 190 28.44 -10.07 -4.07
C LEU A 190 27.61 -11.01 -4.93
N GLN A 191 26.35 -10.63 -5.15
CA GLN A 191 25.47 -11.36 -6.04
C GLN A 191 24.74 -10.34 -6.89
N VAL A 192 24.64 -10.61 -8.18
CA VAL A 192 24.02 -9.68 -9.11
C VAL A 192 22.81 -10.36 -9.74
N GLU A 193 21.73 -9.60 -9.86
CA GLU A 193 20.52 -10.10 -10.47
C GLU A 193 20.54 -9.83 -11.98
N SER A 194 19.76 -10.62 -12.70
CA SER A 194 19.56 -10.39 -14.12
C SER A 194 18.83 -9.08 -14.35
N ALA A 195 18.82 -8.63 -15.61
CA ALA A 195 18.06 -7.45 -15.96
C ALA A 195 16.57 -7.71 -15.78
N ASN A 196 15.89 -6.72 -15.21
CA ASN A 196 14.44 -6.78 -15.04
C ASN A 196 13.74 -6.58 -16.37
N GLN A 197 12.57 -7.22 -16.53
CA GLN A 197 11.71 -7.02 -17.68
C GLN A 197 10.39 -6.39 -17.22
N MET A 198 9.88 -5.45 -18.00
CA MET A 198 8.52 -4.96 -17.77
C MET A 198 7.51 -6.07 -18.07
N LEU A 199 6.53 -6.22 -17.19
CA LEU A 199 5.53 -7.29 -17.30
C LEU A 199 4.46 -6.85 -18.28
N THR A 200 4.52 -7.38 -19.51
CA THR A 200 3.58 -6.97 -20.56
C THR A 200 2.12 -7.20 -20.17
N VAL A 201 1.81 -8.33 -19.55
CA VAL A 201 0.41 -8.62 -19.20
C VAL A 201 -0.13 -7.55 -18.26
N ASN A 202 0.72 -7.04 -17.36
CA ASN A 202 0.27 -6.00 -16.44
C ASN A 202 0.16 -4.64 -17.13
N VAL A 203 1.09 -4.31 -18.03
CA VAL A 203 0.96 -3.05 -18.76
C VAL A 203 -0.34 -3.05 -19.56
N VAL A 204 -0.68 -4.18 -20.18
CA VAL A 204 -1.93 -4.28 -20.94
C VAL A 204 -3.14 -4.05 -20.03
N ALA A 205 -3.14 -4.70 -18.86
CA ALA A 205 -4.23 -4.49 -17.90
C ALA A 205 -4.32 -3.03 -17.51
N PHE A 206 -3.17 -2.37 -17.35
CA PHE A 206 -3.12 -0.95 -17.02
C PHE A 206 -3.79 -0.10 -18.11
N LEU A 207 -3.52 -0.43 -19.38
CA LEU A 207 -4.10 0.34 -20.47
C LEU A 207 -5.61 0.10 -20.57
N TYR A 208 -6.08 -1.11 -20.25
CA TYR A 208 -7.53 -1.33 -20.14
C TYR A 208 -8.15 -0.45 -19.07
N ALA A 209 -7.55 -0.44 -17.87
CA ALA A 209 -8.02 0.44 -16.80
C ALA A 209 -8.10 1.88 -17.28
N ALA A 210 -7.10 2.32 -18.05
CA ALA A 210 -7.10 3.68 -18.57
C ALA A 210 -8.33 3.93 -19.45
N ILE A 211 -8.60 3.00 -20.38
CA ILE A 211 -9.79 3.12 -21.21
C ILE A 211 -11.03 3.26 -20.35
N LEU A 212 -11.18 2.39 -19.36
CA LEU A 212 -12.38 2.38 -18.53
C LEU A 212 -12.54 3.65 -17.70
N ASN A 213 -11.46 4.42 -17.52
CA ASN A 213 -11.51 5.65 -16.76
C ASN A 213 -11.59 6.89 -17.65
N GLY A 214 -11.77 6.71 -18.95
CA GLY A 214 -11.87 7.84 -19.87
C GLY A 214 -10.55 8.41 -20.34
N CYS A 215 -9.44 7.71 -20.13
CA CYS A 215 -8.12 8.17 -20.56
C CYS A 215 -7.78 7.41 -21.85
N THR A 216 -8.02 8.04 -22.99
CA THR A 216 -7.90 7.32 -24.26
C THR A 216 -7.13 8.10 -25.32
N TRP A 217 -6.44 9.19 -24.96
CA TRP A 217 -5.71 10.00 -25.93
C TRP A 217 -4.64 9.21 -26.67
N TRP A 218 -4.11 8.14 -26.07
CA TRP A 218 -3.03 7.35 -26.63
C TRP A 218 -3.53 6.22 -27.51
N LEU A 219 -4.83 5.98 -27.54
CA LEU A 219 -5.38 4.81 -28.18
C LEU A 219 -5.56 5.06 -29.67
N LYS A 220 -5.09 4.12 -30.49
CA LYS A 220 -5.21 4.22 -31.93
C LYS A 220 -5.78 2.91 -32.46
N GLY A 221 -6.14 2.93 -33.75
CA GLY A 221 -6.85 1.81 -34.34
C GLY A 221 -5.99 0.71 -34.91
N GLU A 222 -4.69 0.93 -35.01
CA GLU A 222 -3.81 -0.07 -35.59
C GLU A 222 -3.52 -1.19 -34.59
N LYS A 223 -3.53 -2.42 -35.09
CA LYS A 223 -3.23 -3.60 -34.30
C LYS A 223 -1.81 -4.07 -34.59
N LEU A 224 -1.20 -4.73 -33.61
CA LEU A 224 0.12 -5.35 -33.77
C LEU A 224 0.02 -6.77 -33.28
N PHE A 225 0.27 -7.73 -34.18
CA PHE A 225 0.11 -9.14 -33.85
C PHE A 225 1.03 -9.53 -32.69
N VAL A 226 0.58 -10.52 -31.92
CA VAL A 226 1.31 -10.92 -30.70
C VAL A 226 2.70 -11.42 -31.05
N GLU A 227 2.79 -12.27 -32.08
CA GLU A 227 4.10 -12.79 -32.50
C GLU A 227 5.04 -11.67 -32.92
N HIS A 228 4.50 -10.62 -33.54
CA HIS A 228 5.34 -9.47 -33.90
C HIS A 228 5.69 -8.64 -32.69
N TYR A 229 4.76 -8.49 -31.74
CA TYR A 229 5.07 -7.78 -30.50
C TYR A 229 6.18 -8.51 -29.74
N ASN A 230 6.07 -9.83 -29.62
CA ASN A 230 7.03 -10.61 -28.84
C ASN A 230 8.43 -10.52 -29.45
N GLU A 231 8.51 -10.45 -30.78
CA GLU A 231 9.80 -10.18 -31.42
C GLU A 231 10.35 -8.84 -30.98
N TRP A 232 9.47 -7.85 -30.80
CA TRP A 232 9.89 -6.54 -30.33
C TRP A 232 10.19 -6.52 -28.82
N ALA A 233 9.47 -7.33 -28.05
CA ALA A 233 9.62 -7.30 -26.60
C ALA A 233 10.96 -7.88 -26.16
N GLN A 234 11.39 -8.96 -26.82
CA GLN A 234 12.66 -9.60 -26.46
C GLN A 234 13.82 -8.63 -26.59
N ALA A 235 13.74 -7.69 -27.52
CA ALA A 235 14.82 -6.75 -27.77
C ALA A 235 14.64 -5.42 -27.04
N ASN A 236 13.55 -5.24 -26.28
CA ASN A 236 13.31 -3.97 -25.62
C ASN A 236 12.98 -4.11 -24.13
N GLY A 237 13.27 -5.26 -23.53
CA GLY A 237 13.12 -5.38 -22.08
C GLY A 237 11.70 -5.56 -21.59
N PHE A 238 10.82 -6.13 -22.39
CA PHE A 238 9.47 -6.49 -21.96
C PHE A 238 9.32 -8.00 -22.04
N THR A 239 8.46 -8.54 -21.19
CA THR A 239 8.07 -9.94 -21.31
C THR A 239 7.18 -10.13 -22.54
N ALA A 240 7.17 -11.35 -23.04
CA ALA A 240 6.31 -11.67 -24.17
C ALA A 240 4.85 -11.71 -23.72
N MET A 241 3.96 -11.44 -24.67
CA MET A 241 2.53 -11.55 -24.41
C MET A 241 2.08 -13.00 -24.52
N ASN A 242 1.30 -13.44 -23.54
CA ASN A 242 0.67 -14.75 -23.58
C ASN A 242 -0.58 -14.70 -22.71
N GLY A 243 -1.41 -15.73 -22.82
CA GLY A 243 -2.69 -15.75 -22.13
C GLY A 243 -3.65 -14.66 -22.58
N GLU A 244 -3.73 -14.44 -23.90
CA GLU A 244 -4.56 -13.34 -24.41
C GLU A 244 -6.03 -13.50 -24.02
N ASP A 245 -6.51 -14.74 -23.94
CA ASP A 245 -7.90 -14.99 -23.58
C ASP A 245 -8.22 -14.50 -22.17
N ALA A 246 -7.22 -14.37 -21.30
CA ALA A 246 -7.49 -13.89 -19.95
C ALA A 246 -7.99 -12.45 -19.93
N PHE A 247 -7.85 -11.71 -21.03
CA PHE A 247 -8.30 -10.32 -21.10
C PHE A 247 -9.71 -10.17 -21.64
N SER A 248 -10.45 -11.26 -21.83
CA SER A 248 -11.73 -11.19 -22.51
C SER A 248 -12.72 -10.29 -21.78
N ILE A 249 -12.75 -10.36 -20.44
CA ILE A 249 -13.68 -9.52 -19.68
C ILE A 249 -13.38 -8.04 -19.94
N LEU A 250 -12.10 -7.68 -19.97
CA LEU A 250 -11.75 -6.28 -20.21
C LEU A 250 -11.97 -5.89 -21.67
N ALA A 251 -11.66 -6.79 -22.60
CA ALA A 251 -11.86 -6.47 -24.01
C ALA A 251 -13.35 -6.25 -24.30
N ALA A 252 -14.22 -7.04 -23.68
CA ALA A 252 -15.66 -6.90 -23.88
C ALA A 252 -16.15 -5.54 -23.37
N LYS A 253 -15.81 -5.19 -22.14
CA LYS A 253 -16.31 -3.95 -21.56
C LYS A 253 -15.88 -2.73 -22.38
N THR A 254 -14.67 -2.78 -22.96
CA THR A 254 -14.10 -1.63 -23.65
C THR A 254 -14.30 -1.65 -25.16
N GLY A 255 -14.46 -2.83 -25.75
CA GLY A 255 -14.45 -2.95 -27.19
C GLY A 255 -13.09 -2.79 -27.85
N VAL A 256 -12.01 -2.98 -27.10
CA VAL A 256 -10.64 -2.76 -27.59
C VAL A 256 -9.87 -4.06 -27.43
N CYS A 257 -9.39 -4.60 -28.55
CA CYS A 257 -8.67 -5.87 -28.54
C CYS A 257 -7.25 -5.68 -28.02
N VAL A 258 -6.66 -6.78 -27.56
CA VAL A 258 -5.33 -6.74 -26.94
C VAL A 258 -4.29 -6.20 -27.91
N GLU A 259 -4.39 -6.60 -29.19
CA GLU A 259 -3.36 -6.25 -30.15
C GLU A 259 -3.29 -4.74 -30.39
N ARG A 260 -4.40 -4.02 -30.17
CA ARG A 260 -4.32 -2.56 -30.27
C ARG A 260 -3.58 -1.98 -29.08
N LEU A 261 -3.65 -2.64 -27.92
CA LEU A 261 -2.89 -2.21 -26.76
C LEU A 261 -1.41 -2.60 -26.89
N LEU A 262 -1.11 -3.74 -27.52
CA LEU A 262 0.29 -4.07 -27.79
C LEU A 262 0.94 -3.01 -28.67
N HIS A 263 0.23 -2.58 -29.71
CA HIS A 263 0.68 -1.45 -30.53
C HIS A 263 0.93 -0.22 -29.67
N ALA A 264 0.03 0.06 -28.71
CA ALA A 264 0.17 1.23 -27.87
C ALA A 264 1.42 1.14 -26.98
N ILE A 265 1.72 -0.05 -26.47
CA ILE A 265 2.90 -0.23 -25.62
C ILE A 265 4.16 0.17 -26.38
N GLN A 266 4.29 -0.31 -27.62
CA GLN A 266 5.44 0.01 -28.45
C GLN A 266 5.64 1.51 -28.58
N VAL A 267 4.55 2.25 -28.85
CA VAL A 267 4.67 3.69 -29.06
C VAL A 267 4.91 4.41 -27.74
N LEU A 268 4.17 4.02 -26.68
CA LEU A 268 4.27 4.76 -25.43
C LEU A 268 5.55 4.43 -24.67
N ASN A 269 6.24 3.35 -25.04
CA ASN A 269 7.53 3.05 -24.42
C ASN A 269 8.56 4.15 -24.68
N ASN A 270 8.37 4.96 -25.73
CA ASN A 270 9.24 6.10 -26.00
C ASN A 270 8.96 7.29 -25.10
N GLY A 271 7.92 7.23 -24.26
CA GLY A 271 7.60 8.34 -23.38
C GLY A 271 6.22 8.92 -23.62
N PHE A 272 5.65 9.54 -22.60
CA PHE A 272 4.31 10.09 -22.67
C PHE A 272 4.28 11.53 -23.16
N GLY A 273 5.44 12.13 -23.40
CA GLY A 273 5.49 13.49 -23.94
C GLY A 273 4.74 14.51 -23.12
N GLY A 274 4.84 14.44 -21.80
CA GLY A 274 4.18 15.38 -20.92
C GLY A 274 2.76 15.02 -20.55
N LYS A 275 2.18 14.00 -21.18
CA LYS A 275 0.84 13.57 -20.83
C LYS A 275 0.90 12.56 -19.69
N GLN A 276 -0.26 12.29 -19.11
CA GLN A 276 -0.36 11.32 -18.03
C GLN A 276 -1.44 10.31 -18.36
N ILE A 277 -1.24 9.08 -17.91
CA ILE A 277 -2.24 8.03 -18.00
C ILE A 277 -2.56 7.61 -16.58
N LEU A 278 -3.76 7.98 -16.12
CA LEU A 278 -4.19 7.76 -14.74
C LEU A 278 -3.20 8.34 -13.72
N GLY A 279 -2.42 9.35 -14.11
CA GLY A 279 -1.49 10.01 -13.21
C GLY A 279 -0.03 9.68 -13.41
N TYR A 280 0.31 8.72 -14.28
CA TYR A 280 1.70 8.31 -14.45
C TYR A 280 2.31 8.94 -15.68
N SER A 281 3.60 9.25 -15.60
CA SER A 281 4.36 9.78 -16.71
C SER A 281 5.03 8.69 -17.53
N SER A 282 4.77 7.41 -17.22
CA SER A 282 5.37 6.31 -17.96
C SER A 282 4.49 5.06 -17.79
N LEU A 283 4.75 4.07 -18.63
CA LEU A 283 4.01 2.82 -18.56
C LEU A 283 4.19 2.16 -17.19
N ASN A 284 3.14 1.49 -16.72
CA ASN A 284 3.10 0.95 -15.36
C ASN A 284 2.75 -0.53 -15.44
N ASP A 285 3.57 -1.38 -14.78
CA ASP A 285 3.34 -2.82 -14.80
C ASP A 285 2.99 -3.36 -13.41
N GLU A 286 2.45 -2.52 -12.53
CA GLU A 286 2.16 -2.92 -11.17
C GLU A 286 0.85 -3.69 -11.03
N PHE A 287 -0.10 -3.53 -11.94
CA PHE A 287 -1.45 -4.05 -11.77
C PHE A 287 -1.70 -5.25 -12.68
N SER A 288 -2.18 -6.34 -12.10
CA SER A 288 -2.60 -7.52 -12.84
C SER A 288 -4.04 -7.36 -13.35
N ILE A 289 -4.43 -8.26 -14.27
CA ILE A 289 -5.82 -8.30 -14.72
C ILE A 289 -6.76 -8.36 -13.53
N ASN A 290 -6.45 -9.25 -12.57
CA ASN A 290 -7.34 -9.46 -11.43
C ASN A 290 -7.54 -8.17 -10.63
N GLU A 291 -6.45 -7.44 -10.38
CA GLU A 291 -6.56 -6.20 -9.61
C GLU A 291 -7.41 -5.18 -10.35
N VAL A 292 -7.27 -5.09 -11.67
CA VAL A 292 -8.04 -4.12 -12.43
C VAL A 292 -9.52 -4.48 -12.39
N VAL A 293 -9.84 -5.76 -12.63
CA VAL A 293 -11.23 -6.20 -12.59
C VAL A 293 -11.81 -6.01 -11.18
N LYS A 294 -11.03 -6.37 -10.15
CA LYS A 294 -11.50 -6.19 -8.79
C LYS A 294 -11.76 -4.73 -8.46
N GLN A 295 -10.87 -3.83 -8.87
CA GLN A 295 -11.00 -2.43 -8.47
C GLN A 295 -12.03 -1.68 -9.32
N MET A 296 -12.24 -2.07 -10.58
CA MET A 296 -13.22 -1.39 -11.41
C MET A 296 -14.61 -1.97 -11.25
N PHE A 297 -14.73 -3.28 -11.03
CA PHE A 297 -16.01 -3.98 -11.06
C PHE A 297 -16.33 -4.77 -9.80
N GLY A 298 -15.39 -4.92 -8.87
CA GLY A 298 -15.64 -5.71 -7.68
C GLY A 298 -15.77 -7.19 -7.90
N VAL A 299 -15.24 -7.73 -8.99
CA VAL A 299 -15.30 -9.17 -9.23
C VAL A 299 -13.96 -9.85 -8.92
N ARG B 4 9.23 3.30 -1.69
CA ARG B 4 8.03 2.52 -1.95
C ARG B 4 6.84 3.00 -1.12
N LYS B 5 5.71 3.25 -1.79
CA LYS B 5 4.49 3.65 -1.11
C LYS B 5 3.93 2.46 -0.34
N MET B 6 3.85 2.58 0.99
CA MET B 6 3.21 1.52 1.76
C MET B 6 2.20 2.11 2.72
N ALA B 7 1.49 1.22 3.40
CA ALA B 7 0.51 1.59 4.40
C ALA B 7 0.96 1.06 5.76
N GLN B 8 0.40 1.63 6.81
CA GLN B 8 0.62 1.01 8.10
C GLN B 8 -0.34 -0.18 8.26
N PRO B 9 0.03 -1.17 9.08
CA PRO B 9 -0.77 -2.39 9.16
C PRO B 9 -2.20 -2.10 9.60
N SER B 10 -3.14 -2.94 9.15
CA SER B 10 -4.56 -2.68 9.30
C SER B 10 -5.23 -3.48 10.42
N GLY B 11 -4.46 -4.34 11.12
CA GLY B 11 -5.07 -5.29 12.05
C GLY B 11 -5.90 -4.64 13.15
N PHE B 12 -5.44 -3.51 13.71
CA PHE B 12 -6.20 -2.87 14.78
C PHE B 12 -7.51 -2.27 14.29
N VAL B 13 -7.54 -1.81 13.05
CA VAL B 13 -8.72 -1.17 12.51
C VAL B 13 -9.71 -2.20 12.00
N GLU B 14 -9.22 -3.34 11.48
CA GLU B 14 -10.09 -4.36 10.93
C GLU B 14 -11.11 -4.82 11.95
N LYS B 15 -10.70 -4.93 13.22
CA LYS B 15 -11.61 -5.44 14.24
C LYS B 15 -12.75 -4.46 14.53
N CYS B 16 -12.69 -3.25 14.00
CA CYS B 16 -13.70 -2.22 14.26
C CYS B 16 -14.67 -2.00 13.12
N VAL B 17 -14.47 -2.64 11.96
CA VAL B 17 -15.34 -2.40 10.82
C VAL B 17 -16.58 -3.29 10.93
N VAL B 18 -17.76 -2.72 10.68
CA VAL B 18 -19.00 -3.47 10.72
C VAL B 18 -19.83 -3.14 9.48
N ARG B 19 -20.81 -4.00 9.20
CA ARG B 19 -21.75 -3.79 8.11
C ARG B 19 -22.97 -3.07 8.66
N VAL B 20 -23.29 -1.91 8.09
CA VAL B 20 -24.46 -1.14 8.49
C VAL B 20 -25.46 -1.16 7.35
N CYS B 21 -26.63 -1.72 7.60
CA CYS B 21 -27.72 -1.74 6.63
C CYS B 21 -28.90 -0.94 7.20
N TYR B 22 -29.46 -0.04 6.41
CA TYR B 22 -30.70 0.64 6.75
C TYR B 22 -31.61 0.48 5.55
N GLY B 23 -32.69 -0.27 5.73
CA GLY B 23 -33.55 -0.58 4.60
C GLY B 23 -32.78 -1.29 3.51
N ASN B 24 -32.71 -0.67 2.34
CA ASN B 24 -32.02 -1.25 1.19
C ASN B 24 -30.55 -0.89 1.12
N THR B 25 -30.11 0.16 1.83
CA THR B 25 -28.76 0.68 1.73
C THR B 25 -27.81 -0.08 2.66
N VAL B 26 -26.66 -0.50 2.13
CA VAL B 26 -25.62 -1.16 2.90
C VAL B 26 -24.32 -0.39 2.73
N LEU B 27 -23.68 -0.04 3.84
CA LEU B 27 -22.35 0.55 3.79
C LEU B 27 -21.60 0.12 5.04
N ASN B 28 -20.45 0.75 5.29
CA ASN B 28 -19.60 0.34 6.40
C ASN B 28 -19.73 1.31 7.57
N GLY B 29 -19.57 0.76 8.77
CA GLY B 29 -19.50 1.57 9.97
C GLY B 29 -18.24 1.23 10.75
N LEU B 30 -17.94 2.11 11.70
CA LEU B 30 -16.77 1.98 12.57
C LEU B 30 -17.27 1.84 13.99
N TRP B 31 -17.02 0.69 14.61
CA TRP B 31 -17.56 0.36 15.93
C TRP B 31 -16.48 0.57 16.98
N LEU B 32 -16.66 1.59 17.82
CA LEU B 32 -15.68 1.96 18.84
C LEU B 32 -16.45 2.16 20.13
N GLY B 33 -16.07 1.44 21.18
CA GLY B 33 -16.88 1.52 22.39
C GLY B 33 -18.26 0.97 22.08
N ASP B 34 -19.30 1.68 22.51
CA ASP B 34 -20.68 1.29 22.20
C ASP B 34 -21.30 2.19 21.13
N ILE B 35 -20.48 2.75 20.23
CA ILE B 35 -20.95 3.64 19.16
C ILE B 35 -20.50 3.08 17.83
N VAL B 36 -21.40 3.10 16.84
CA VAL B 36 -21.08 2.79 15.46
C VAL B 36 -21.18 4.09 14.67
N TYR B 37 -20.07 4.52 14.08
CA TYR B 37 -20.01 5.73 13.26
C TYR B 37 -20.18 5.36 11.79
N CYS B 38 -21.03 6.10 11.07
CA CYS B 38 -21.18 5.84 9.65
C CYS B 38 -21.70 7.09 8.96
N PRO B 39 -21.67 7.12 7.63
CA PRO B 39 -22.23 8.28 6.92
C PRO B 39 -23.73 8.40 7.10
N ARG B 40 -24.20 9.65 7.23
CA ARG B 40 -25.61 9.84 7.49
C ARG B 40 -26.48 9.50 6.29
N HIS B 41 -25.92 9.46 5.08
CA HIS B 41 -26.77 9.14 3.94
C HIS B 41 -27.24 7.70 3.93
N VAL B 42 -26.81 6.87 4.89
CA VAL B 42 -27.36 5.52 4.98
C VAL B 42 -28.88 5.55 5.22
N ILE B 43 -29.39 6.61 5.84
CA ILE B 43 -30.83 6.70 6.12
C ILE B 43 -31.60 7.44 5.06
N ALA B 44 -30.94 7.98 4.04
CA ALA B 44 -31.66 8.72 3.01
C ALA B 44 -32.47 7.78 2.12
N SER B 45 -33.71 8.17 1.81
CA SER B 45 -34.57 7.33 1.00
C SER B 45 -34.18 7.36 -0.47
N ASN B 46 -33.78 8.52 -0.99
CA ASN B 46 -33.43 8.68 -2.39
C ASN B 46 -32.16 9.52 -2.49
N THR B 47 -31.11 8.94 -3.05
CA THR B 47 -29.80 9.59 -3.12
C THR B 47 -29.43 10.04 -4.53
N THR B 48 -30.40 10.11 -5.45
CA THR B 48 -30.13 10.68 -6.77
C THR B 48 -30.69 12.10 -6.91
N SER B 49 -31.57 12.51 -6.01
CA SER B 49 -32.08 13.88 -5.96
C SER B 49 -31.63 14.51 -4.65
N ALA B 50 -31.82 15.83 -4.56
CA ALA B 50 -31.43 16.57 -3.36
C ALA B 50 -32.04 15.96 -2.11
N ILE B 51 -31.27 15.94 -1.02
CA ILE B 51 -31.67 15.28 0.22
C ILE B 51 -31.91 16.32 1.30
N ASP B 52 -33.09 16.24 1.94
CA ASP B 52 -33.42 17.00 3.15
C ASP B 52 -33.09 16.10 4.31
N TYR B 53 -31.88 16.26 4.87
CA TYR B 53 -31.46 15.34 5.93
C TYR B 53 -32.26 15.55 7.20
N ASP B 54 -32.70 16.78 7.47
CA ASP B 54 -33.55 16.98 8.65
C ASP B 54 -34.86 16.21 8.50
N HIS B 55 -35.43 16.18 7.29
CA HIS B 55 -36.60 15.33 7.05
C HIS B 55 -36.25 13.86 7.20
N GLU B 56 -35.17 13.42 6.56
CA GLU B 56 -34.81 12.00 6.63
C GLU B 56 -34.59 11.55 8.07
N TYR B 57 -33.98 12.41 8.89
CA TYR B 57 -33.74 12.05 10.28
C TYR B 57 -35.04 11.97 11.07
N SER B 58 -35.98 12.89 10.80
CA SER B 58 -37.24 12.89 11.53
C SER B 58 -38.12 11.67 11.19
N ILE B 59 -37.95 11.05 10.02
CA ILE B 59 -38.74 9.86 9.69
C ILE B 59 -37.96 8.56 9.91
N MET B 60 -36.71 8.64 10.38
CA MET B 60 -35.91 7.45 10.60
C MET B 60 -36.60 6.51 11.59
N ARG B 61 -36.62 5.22 11.26
CA ARG B 61 -37.15 4.19 12.15
C ARG B 61 -36.03 3.20 12.48
N LEU B 62 -35.72 3.07 13.77
CA LEU B 62 -34.55 2.32 14.17
C LEU B 62 -34.63 0.83 13.85
N HIS B 63 -35.84 0.28 13.71
CA HIS B 63 -35.93 -1.14 13.37
C HIS B 63 -35.51 -1.42 11.94
N ASN B 64 -35.33 -0.38 11.12
CA ASN B 64 -34.78 -0.58 9.78
C ASN B 64 -33.28 -0.84 9.80
N PHE B 65 -32.60 -0.60 10.92
CA PHE B 65 -31.17 -0.86 11.01
C PHE B 65 -30.89 -2.34 11.22
N SER B 66 -29.87 -2.83 10.55
CA SER B 66 -29.20 -4.08 10.88
C SER B 66 -27.71 -3.80 10.88
N ILE B 67 -27.01 -4.15 11.98
CA ILE B 67 -25.58 -3.91 12.11
C ILE B 67 -24.93 -5.22 12.49
N ILE B 68 -23.95 -5.66 11.69
CA ILE B 68 -23.32 -6.97 11.85
C ILE B 68 -21.83 -6.77 12.00
N SER B 69 -21.27 -7.36 13.06
CA SER B 69 -19.82 -7.44 13.25
C SER B 69 -19.43 -8.90 13.05
N GLY B 70 -18.73 -9.18 11.95
CA GLY B 70 -18.41 -10.56 11.64
C GLY B 70 -19.68 -11.32 11.34
N THR B 71 -20.14 -12.13 12.29
CA THR B 71 -21.43 -12.80 12.15
C THR B 71 -22.37 -12.50 13.32
N ALA B 72 -22.02 -11.54 14.17
CA ALA B 72 -22.85 -11.16 15.31
C ALA B 72 -23.69 -9.94 14.95
N PHE B 73 -24.94 -9.93 15.42
CA PHE B 73 -25.80 -8.75 15.27
C PHE B 73 -25.64 -7.84 16.48
N LEU B 74 -25.55 -6.54 16.22
CA LEU B 74 -25.53 -5.55 17.30
C LEU B 74 -26.93 -5.00 17.52
N GLY B 75 -27.25 -4.66 18.77
CA GLY B 75 -28.55 -4.11 19.11
C GLY B 75 -28.55 -2.60 19.18
N VAL B 76 -29.30 -1.98 18.27
CA VAL B 76 -29.35 -0.51 18.19
C VAL B 76 -30.29 0.00 19.27
N VAL B 77 -29.81 0.96 20.07
CA VAL B 77 -30.65 1.57 21.09
C VAL B 77 -30.92 3.05 20.83
N GLY B 78 -30.12 3.71 20.00
CA GLY B 78 -30.43 5.09 19.64
C GLY B 78 -29.55 5.51 18.48
N ALA B 79 -29.88 6.65 17.90
CA ALA B 79 -29.00 7.17 16.85
C ALA B 79 -29.15 8.67 16.77
N THR B 80 -28.03 9.37 16.61
CA THR B 80 -28.05 10.82 16.54
C THR B 80 -27.20 11.25 15.37
N MET B 81 -27.49 12.42 14.83
CA MET B 81 -26.85 12.89 13.61
C MET B 81 -25.95 14.08 13.95
N HIS B 82 -24.71 14.04 13.44
CA HIS B 82 -23.68 15.04 13.76
C HIS B 82 -22.98 15.37 12.45
N GLY B 83 -23.28 16.53 11.88
CA GLY B 83 -22.68 16.85 10.60
C GLY B 83 -23.14 15.85 9.57
N VAL B 84 -22.18 15.28 8.81
CA VAL B 84 -22.52 14.30 7.79
C VAL B 84 -22.35 12.86 8.30
N THR B 85 -22.36 12.66 9.61
CA THR B 85 -22.26 11.32 10.18
C THR B 85 -23.46 11.01 11.08
N LEU B 86 -23.67 9.72 11.29
CA LEU B 86 -24.57 9.21 12.30
C LEU B 86 -23.73 8.57 13.40
N LYS B 87 -24.12 8.80 14.65
CA LYS B 87 -23.58 8.03 15.78
C LYS B 87 -24.69 7.11 16.27
N ILE B 88 -24.53 5.82 16.03
CA ILE B 88 -25.54 4.81 16.35
C ILE B 88 -25.11 4.14 17.64
N LYS B 89 -25.90 4.34 18.70
CA LYS B 89 -25.54 3.72 19.96
C LYS B 89 -26.09 2.30 20.00
N VAL B 90 -25.23 1.36 20.39
CA VAL B 90 -25.61 -0.04 20.45
C VAL B 90 -25.43 -0.54 21.88
N SER B 91 -26.06 -1.69 22.17
CA SER B 91 -25.93 -2.28 23.50
C SER B 91 -24.53 -2.83 23.72
N GLN B 92 -23.87 -3.29 22.67
CA GLN B 92 -22.62 -4.03 22.78
C GLN B 92 -21.42 -3.09 22.73
N THR B 93 -20.47 -3.28 23.63
CA THR B 93 -19.20 -2.57 23.56
C THR B 93 -18.20 -3.41 22.77
N ASN B 94 -17.50 -2.78 21.83
CA ASN B 94 -16.51 -3.50 21.04
C ASN B 94 -15.31 -3.82 21.93
N MET B 95 -15.13 -5.10 22.27
CA MET B 95 -14.04 -5.49 23.13
C MET B 95 -12.67 -5.36 22.46
N HIS B 96 -12.64 -5.19 21.13
CA HIS B 96 -11.39 -4.97 20.41
C HIS B 96 -11.17 -3.50 20.06
N THR B 97 -11.88 -2.58 20.73
CA THR B 97 -11.63 -1.17 20.54
C THR B 97 -10.18 -0.85 20.88
N PRO B 98 -9.39 -0.34 19.95
CA PRO B 98 -8.00 0.01 20.28
C PRO B 98 -7.94 1.33 21.05
N ARG B 99 -6.80 1.54 21.71
CA ARG B 99 -6.48 2.88 22.17
C ARG B 99 -6.59 3.80 20.97
N HIS B 100 -7.35 4.90 21.08
CA HIS B 100 -7.57 5.69 19.89
C HIS B 100 -7.93 7.14 20.20
N SER B 101 -7.84 7.97 19.16
CA SER B 101 -8.37 9.33 19.20
C SER B 101 -8.91 9.67 17.82
N PHE B 102 -9.61 10.79 17.75
CA PHE B 102 -10.07 11.33 16.48
C PHE B 102 -9.29 12.61 16.19
N ARG B 103 -8.74 12.69 14.98
CA ARG B 103 -7.96 13.85 14.56
C ARG B 103 -8.46 14.31 13.21
N THR B 104 -8.31 15.60 12.94
CA THR B 104 -8.67 16.19 11.66
C THR B 104 -7.40 16.44 10.85
N LEU B 105 -7.37 15.92 9.61
CA LEU B 105 -6.20 16.05 8.76
C LEU B 105 -5.99 17.49 8.34
N LYS B 106 -4.71 17.85 8.16
CA LYS B 106 -4.34 19.10 7.51
C LYS B 106 -4.00 18.86 6.06
N SER B 107 -4.03 19.94 5.28
CA SER B 107 -3.61 19.90 3.89
C SER B 107 -2.22 19.27 3.79
N GLY B 108 -2.09 18.30 2.87
CA GLY B 108 -0.83 17.64 2.63
C GLY B 108 -0.51 16.44 3.51
N GLU B 109 -1.36 16.12 4.48
CA GLU B 109 -1.01 15.10 5.47
C GLU B 109 -1.30 13.70 4.95
N GLY B 110 -0.39 12.77 5.25
CA GLY B 110 -0.50 11.41 4.79
C GLY B 110 -1.26 10.57 5.79
N PHE B 111 -1.96 9.56 5.29
CA PHE B 111 -2.70 8.66 6.18
C PHE B 111 -2.96 7.37 5.43
N ASN B 112 -3.70 6.47 6.05
CA ASN B 112 -3.95 5.13 5.50
C ASN B 112 -5.44 4.94 5.33
N ILE B 113 -5.85 4.32 4.23
CA ILE B 113 -7.24 3.95 4.00
C ILE B 113 -7.37 2.43 4.07
N LEU B 114 -8.33 1.96 4.85
CA LEU B 114 -8.80 0.57 4.81
C LEU B 114 -10.07 0.55 3.97
N ALA B 115 -9.96 0.10 2.71
CA ALA B 115 -11.10 0.06 1.81
C ALA B 115 -11.96 -1.14 2.16
N CYS B 116 -13.23 -0.89 2.47
CA CYS B 116 -14.13 -1.92 3.00
C CYS B 116 -15.38 -2.02 2.16
N TYR B 117 -15.93 -3.22 2.10
CA TYR B 117 -17.19 -3.48 1.40
C TYR B 117 -17.98 -4.50 2.20
N ASP B 118 -19.27 -4.22 2.41
CA ASP B 118 -20.15 -5.13 3.15
C ASP B 118 -19.64 -5.35 4.57
N GLY B 119 -18.94 -4.36 5.12
CA GLY B 119 -18.39 -4.48 6.46
C GLY B 119 -17.17 -5.37 6.57
N CYS B 120 -16.45 -5.58 5.46
CA CYS B 120 -15.25 -6.43 5.45
C CYS B 120 -14.13 -5.70 4.72
N ALA B 121 -12.95 -5.64 5.34
CA ALA B 121 -11.80 -4.99 4.72
C ALA B 121 -11.36 -5.75 3.48
N GLN B 122 -11.06 -5.01 2.40
CA GLN B 122 -10.60 -5.61 1.17
C GLN B 122 -9.21 -5.13 0.72
N GLY B 123 -8.79 -3.94 1.14
CA GLY B 123 -7.49 -3.45 0.75
C GLY B 123 -7.08 -2.31 1.65
N VAL B 124 -5.78 -2.04 1.66
CA VAL B 124 -5.21 -0.99 2.49
C VAL B 124 -4.13 -0.25 1.69
N PHE B 125 -4.16 1.07 1.73
CA PHE B 125 -3.20 1.83 0.94
C PHE B 125 -2.98 3.19 1.58
N GLY B 126 -1.80 3.77 1.34
CA GLY B 126 -1.50 5.09 1.85
C GLY B 126 -1.97 6.16 0.87
N VAL B 127 -2.45 7.28 1.43
CA VAL B 127 -2.91 8.42 0.66
C VAL B 127 -2.47 9.71 1.34
N ASN B 128 -2.53 10.79 0.58
CA ASN B 128 -2.32 12.13 1.10
C ASN B 128 -3.58 12.95 0.93
N MET B 129 -3.95 13.69 1.98
CA MET B 129 -4.97 14.72 1.84
C MET B 129 -4.40 15.84 0.98
N ARG B 130 -5.01 16.09 -0.18
CA ARG B 130 -4.46 17.07 -1.10
C ARG B 130 -4.91 18.48 -0.74
N THR B 131 -4.29 19.48 -1.38
CA THR B 131 -4.58 20.87 -1.04
C THR B 131 -6.01 21.26 -1.40
N ASN B 132 -6.66 20.53 -2.30
CA ASN B 132 -8.06 20.77 -2.61
C ASN B 132 -9.01 19.89 -1.78
N TRP B 133 -8.49 19.25 -0.73
CA TRP B 133 -9.25 18.49 0.25
C TRP B 133 -9.91 17.25 -0.32
N THR B 134 -9.36 16.70 -1.41
CA THR B 134 -9.74 15.40 -1.94
C THR B 134 -8.55 14.45 -1.83
N ILE B 135 -8.83 13.16 -2.00
CA ILE B 135 -7.77 12.16 -2.02
C ILE B 135 -7.88 11.35 -3.30
N ARG B 136 -6.74 10.79 -3.71
CA ARG B 136 -6.68 9.90 -4.87
C ARG B 136 -6.88 8.48 -4.33
N GLY B 137 -8.15 8.08 -4.22
CA GLY B 137 -8.49 6.77 -3.74
C GLY B 137 -8.87 5.84 -4.87
N SER B 138 -9.40 4.69 -4.48
CA SER B 138 -9.97 3.75 -5.44
C SER B 138 -11.14 3.10 -4.71
N PHE B 139 -12.35 3.54 -5.04
CA PHE B 139 -13.55 3.07 -4.37
C PHE B 139 -14.63 2.86 -5.41
N ILE B 140 -15.46 1.84 -5.19
CA ILE B 140 -16.65 1.65 -6.00
C ILE B 140 -17.86 1.60 -5.05
N ASN B 141 -19.01 1.18 -5.56
CA ASN B 141 -20.22 1.20 -4.75
C ASN B 141 -20.05 0.35 -3.49
N GLY B 142 -20.58 0.86 -2.37
CA GLY B 142 -20.49 0.21 -1.08
C GLY B 142 -19.28 0.60 -0.23
N ALA B 143 -18.38 1.43 -0.74
CA ALA B 143 -17.16 1.75 0.00
C ALA B 143 -17.38 2.76 1.12
N CYS B 144 -18.53 3.44 1.15
CA CYS B 144 -18.73 4.52 2.10
C CYS B 144 -18.62 4.01 3.53
N GLY B 145 -18.09 4.87 4.39
CA GLY B 145 -17.76 4.47 5.74
C GLY B 145 -16.40 3.85 5.90
N SER B 146 -15.73 3.49 4.81
CA SER B 146 -14.36 2.98 4.90
C SER B 146 -13.51 3.97 5.69
N PRO B 147 -12.75 3.51 6.67
CA PRO B 147 -12.03 4.43 7.56
C PRO B 147 -10.60 4.71 7.12
N GLY B 148 -10.18 5.93 7.42
CA GLY B 148 -8.80 6.37 7.26
C GLY B 148 -8.19 6.54 8.63
N TYR B 149 -6.91 6.15 8.77
CA TYR B 149 -6.30 6.10 10.10
C TYR B 149 -4.81 6.37 10.01
N ASN B 150 -4.23 6.74 11.15
CA ASN B 150 -2.78 6.73 11.35
C ASN B 150 -2.45 6.02 12.65
N LEU B 151 -1.35 5.27 12.65
CA LEU B 151 -0.87 4.62 13.86
C LEU B 151 0.25 5.49 14.43
N LYS B 152 0.05 5.99 15.64
CA LYS B 152 1.02 6.90 16.24
C LYS B 152 1.03 6.76 17.75
N ASN B 153 2.22 6.62 18.32
CA ASN B 153 2.40 6.67 19.78
C ASN B 153 1.56 5.61 20.49
N GLY B 154 1.51 4.42 19.90
CA GLY B 154 0.74 3.34 20.47
C GLY B 154 -0.77 3.51 20.41
N GLU B 155 -1.29 4.40 19.57
CA GLU B 155 -2.74 4.47 19.41
C GLU B 155 -3.11 4.59 17.94
N VAL B 156 -4.40 4.40 17.66
CA VAL B 156 -4.95 4.63 16.34
C VAL B 156 -5.58 6.02 16.33
N GLU B 157 -5.17 6.85 15.37
CA GLU B 157 -5.84 8.12 15.10
C GLU B 157 -6.80 7.90 13.94
N PHE B 158 -8.10 8.10 14.18
CA PHE B 158 -9.10 7.95 13.13
C PHE B 158 -9.36 9.31 12.51
N VAL B 159 -9.16 9.43 11.19
CA VAL B 159 -9.09 10.74 10.55
C VAL B 159 -10.05 10.90 9.37
N TYR B 160 -10.63 9.82 8.88
CA TYR B 160 -11.36 9.92 7.62
C TYR B 160 -12.44 8.84 7.57
N MET B 161 -13.63 9.24 7.11
CA MET B 161 -14.73 8.32 6.82
C MET B 161 -15.16 8.57 5.38
N HIS B 162 -15.10 7.55 4.53
CA HIS B 162 -15.35 7.81 3.11
C HIS B 162 -16.81 8.14 2.83
N GLN B 163 -17.03 9.15 1.98
CA GLN B 163 -18.37 9.69 1.73
C GLN B 163 -18.78 9.74 0.26
N ILE B 164 -17.96 10.32 -0.63
CA ILE B 164 -18.43 10.62 -1.98
C ILE B 164 -17.29 10.51 -2.98
N GLU B 165 -17.66 10.30 -4.24
CA GLU B 165 -16.75 10.38 -5.37
C GLU B 165 -17.18 11.52 -6.27
N LEU B 166 -16.26 12.44 -6.54
CA LEU B 166 -16.57 13.58 -7.40
C LEU B 166 -16.52 13.16 -8.86
N GLY B 167 -17.08 14.02 -9.73
CA GLY B 167 -17.17 13.71 -11.14
C GLY B 167 -15.82 13.52 -11.81
N SER B 168 -14.77 14.10 -11.23
CA SER B 168 -13.40 13.93 -11.69
C SER B 168 -12.79 12.61 -11.25
N GLY B 169 -13.47 11.84 -10.41
CA GLY B 169 -12.91 10.65 -9.82
C GLY B 169 -12.24 10.87 -8.46
N SER B 170 -12.04 12.11 -8.05
CA SER B 170 -11.49 12.40 -6.72
C SER B 170 -12.47 11.97 -5.63
N HIS B 171 -11.92 11.63 -4.46
CA HIS B 171 -12.73 11.11 -3.37
C HIS B 171 -12.72 12.07 -2.19
N VAL B 172 -13.85 12.16 -1.50
CA VAL B 172 -14.03 13.09 -0.40
C VAL B 172 -14.60 12.32 0.79
N GLY B 173 -14.12 12.63 1.98
CA GLY B 173 -14.62 12.01 3.19
C GLY B 173 -14.83 13.06 4.26
N SER B 174 -15.24 12.59 5.43
CA SER B 174 -15.44 13.45 6.57
C SER B 174 -14.53 13.03 7.71
N SER B 175 -14.33 13.94 8.66
CA SER B 175 -13.75 13.47 9.90
C SER B 175 -14.84 12.76 10.71
N PHE B 176 -14.44 12.18 11.82
CA PHE B 176 -15.42 11.49 12.63
C PHE B 176 -16.22 12.42 13.53
N ASP B 177 -15.91 13.72 13.53
CA ASP B 177 -16.82 14.70 14.11
C ASP B 177 -17.88 15.15 13.11
N GLY B 178 -17.94 14.53 11.93
CA GLY B 178 -18.97 14.85 10.96
C GLY B 178 -18.69 16.04 10.07
N VAL B 179 -17.48 16.55 10.05
CA VAL B 179 -17.12 17.66 9.17
C VAL B 179 -16.57 17.09 7.87
N MET B 180 -17.23 17.40 6.75
CA MET B 180 -16.69 17.01 5.45
C MET B 180 -15.41 17.78 5.15
N TYR B 181 -14.35 17.06 4.77
CA TYR B 181 -13.15 17.74 4.32
C TYR B 181 -13.49 18.59 3.11
N GLY B 182 -12.99 19.82 3.09
CA GLY B 182 -13.20 20.73 1.98
C GLY B 182 -14.53 21.44 1.95
N GLY B 183 -15.42 21.16 2.91
CA GLY B 183 -16.74 21.75 2.90
C GLY B 183 -17.67 21.18 1.85
N PHE B 184 -17.31 20.06 1.21
CA PHE B 184 -18.19 19.40 0.25
C PHE B 184 -19.48 18.92 0.94
N GLU B 185 -20.54 18.79 0.15
CA GLU B 185 -21.83 18.35 0.67
C GLU B 185 -22.08 16.88 0.34
N ASP B 186 -22.77 16.17 1.24
CA ASP B 186 -23.19 14.80 0.96
C ASP B 186 -24.52 14.84 0.20
N GLN B 187 -24.45 15.48 -0.97
CA GLN B 187 -25.57 15.69 -1.87
C GLN B 187 -25.18 15.24 -3.26
N PRO B 188 -26.10 14.65 -4.01
CA PRO B 188 -25.82 14.19 -5.38
C PRO B 188 -25.93 15.29 -6.43
N ASN B 189 -25.24 16.39 -6.20
CA ASN B 189 -25.24 17.52 -7.11
C ASN B 189 -23.83 17.74 -7.64
N LEU B 190 -23.73 18.47 -8.74
CA LEU B 190 -22.43 18.82 -9.28
C LEU B 190 -21.70 19.73 -8.30
N GLN B 191 -20.56 19.26 -7.80
CA GLN B 191 -19.65 20.11 -7.04
C GLN B 191 -18.25 19.89 -7.60
N VAL B 192 -17.54 20.97 -7.85
CA VAL B 192 -16.23 20.92 -8.47
C VAL B 192 -15.19 21.22 -7.41
N GLU B 193 -14.10 20.46 -7.43
CA GLU B 193 -13.00 20.79 -6.55
C GLU B 193 -12.12 21.87 -7.17
N SER B 194 -11.40 22.59 -6.31
CA SER B 194 -10.40 23.52 -6.78
C SER B 194 -9.19 22.78 -7.32
N ALA B 195 -8.32 23.51 -8.01
CA ALA B 195 -7.15 22.90 -8.63
C ALA B 195 -6.20 22.34 -7.59
N ASN B 196 -5.70 21.13 -7.84
CA ASN B 196 -4.70 20.54 -6.97
C ASN B 196 -3.35 21.22 -7.17
N GLN B 197 -2.58 21.32 -6.10
CA GLN B 197 -1.22 21.83 -6.16
C GLN B 197 -0.26 20.72 -5.79
N MET B 198 0.92 20.73 -6.41
CA MET B 198 1.98 19.81 -6.00
C MET B 198 2.48 20.22 -4.62
N LEU B 199 2.62 19.24 -3.72
CA LEU B 199 3.11 19.48 -2.37
C LEU B 199 4.62 19.66 -2.41
N THR B 200 5.09 20.91 -2.32
CA THR B 200 6.53 21.17 -2.45
C THR B 200 7.34 20.41 -1.41
N VAL B 201 6.91 20.43 -0.14
CA VAL B 201 7.69 19.74 0.88
C VAL B 201 7.86 18.26 0.55
N ASN B 202 6.87 17.63 -0.10
CA ASN B 202 7.01 16.21 -0.46
C ASN B 202 7.95 16.02 -1.64
N VAL B 203 7.94 16.95 -2.60
CA VAL B 203 8.88 16.88 -3.72
C VAL B 203 10.31 17.01 -3.20
N VAL B 204 10.54 17.91 -2.25
CA VAL B 204 11.88 18.08 -1.67
C VAL B 204 12.32 16.81 -0.96
N ALA B 205 11.39 16.16 -0.25
CA ALA B 205 11.71 14.89 0.40
C ALA B 205 12.08 13.83 -0.63
N PHE B 206 11.34 13.78 -1.73
CA PHE B 206 11.63 12.85 -2.82
C PHE B 206 13.01 13.09 -3.40
N LEU B 207 13.39 14.35 -3.57
CA LEU B 207 14.71 14.66 -4.11
C LEU B 207 15.80 14.31 -3.10
N TYR B 208 15.56 14.53 -1.81
CA TYR B 208 16.53 14.08 -0.81
C TYR B 208 16.66 12.57 -0.83
N ALA B 209 15.54 11.85 -0.98
CA ALA B 209 15.61 10.40 -1.08
C ALA B 209 16.43 9.99 -2.30
N ALA B 210 16.28 10.72 -3.40
CA ALA B 210 17.08 10.43 -4.59
C ALA B 210 18.57 10.59 -4.30
N ILE B 211 18.93 11.64 -3.55
CA ILE B 211 20.34 11.87 -3.23
C ILE B 211 20.87 10.77 -2.32
N LEU B 212 20.07 10.35 -1.34
CA LEU B 212 20.48 9.29 -0.43
C LEU B 212 20.63 7.96 -1.14
N ASN B 213 20.01 7.80 -2.32
CA ASN B 213 20.20 6.64 -3.15
C ASN B 213 21.20 6.90 -4.28
N GLY B 214 22.00 7.97 -4.17
CA GLY B 214 22.99 8.26 -5.17
C GLY B 214 22.44 8.52 -6.56
N CYS B 215 21.16 8.88 -6.68
CA CYS B 215 20.58 9.29 -7.96
C CYS B 215 20.68 10.80 -8.05
N THR B 216 21.76 11.32 -8.65
CA THR B 216 22.09 12.72 -8.53
C THR B 216 22.39 13.39 -9.87
N TRP B 217 21.95 12.81 -11.00
CA TRP B 217 22.25 13.42 -12.29
C TRP B 217 21.69 14.83 -12.40
N TRP B 218 20.55 15.09 -11.75
CA TRP B 218 19.80 16.34 -11.85
C TRP B 218 20.29 17.42 -10.91
N LEU B 219 21.19 17.10 -9.98
CA LEU B 219 21.57 18.02 -8.92
C LEU B 219 22.66 18.96 -9.42
N LYS B 220 22.39 20.26 -9.35
CA LYS B 220 23.34 21.29 -9.76
C LYS B 220 23.77 22.08 -8.52
N GLY B 221 24.49 23.17 -8.74
CA GLY B 221 25.07 23.92 -7.65
C GLY B 221 24.38 25.23 -7.35
N GLU B 222 23.45 25.63 -8.21
CA GLU B 222 22.75 26.89 -8.02
C GLU B 222 21.72 26.78 -6.90
N LYS B 223 21.59 27.85 -6.12
CA LYS B 223 20.62 27.95 -5.05
C LYS B 223 19.48 28.87 -5.48
N LEU B 224 18.26 28.54 -5.05
CA LEU B 224 17.09 29.38 -5.25
C LEU B 224 16.53 29.72 -3.87
N PHE B 225 16.50 31.01 -3.54
CA PHE B 225 16.04 31.44 -2.23
C PHE B 225 14.57 31.09 -2.03
N VAL B 226 14.22 30.77 -0.78
CA VAL B 226 12.86 30.31 -0.47
C VAL B 226 11.81 31.33 -0.93
N GLU B 227 12.06 32.61 -0.70
CA GLU B 227 11.07 33.63 -1.08
C GLU B 227 10.86 33.65 -2.59
N HIS B 228 11.93 33.44 -3.35
CA HIS B 228 11.82 33.44 -4.81
C HIS B 228 11.09 32.20 -5.31
N TYR B 229 11.48 31.02 -4.81
CA TYR B 229 10.76 29.80 -5.14
C TYR B 229 9.26 29.98 -4.91
N ASN B 230 8.89 30.55 -3.77
CA ASN B 230 7.48 30.64 -3.43
C ASN B 230 6.75 31.55 -4.40
N GLU B 231 7.41 32.60 -4.88
CA GLU B 231 6.80 33.42 -5.93
C GLU B 231 6.57 32.61 -7.19
N TRP B 232 7.53 31.77 -7.57
CA TRP B 232 7.32 30.92 -8.74
C TRP B 232 6.22 29.89 -8.47
N ALA B 233 6.15 29.36 -7.25
CA ALA B 233 5.22 28.27 -6.95
C ALA B 233 3.78 28.73 -7.00
N GLN B 234 3.48 29.92 -6.47
CA GLN B 234 2.11 30.42 -6.44
C GLN B 234 1.51 30.55 -7.83
N ALA B 235 2.36 30.72 -8.86
CA ALA B 235 1.88 30.86 -10.22
C ALA B 235 1.99 29.58 -11.04
N ASN B 236 2.61 28.53 -10.49
CA ASN B 236 2.86 27.31 -11.29
C ASN B 236 2.33 26.05 -10.62
N GLY B 237 1.34 26.16 -9.74
CA GLY B 237 0.67 24.99 -9.21
C GLY B 237 1.45 24.20 -8.18
N PHE B 238 2.34 24.86 -7.44
CA PHE B 238 3.07 24.23 -6.35
C PHE B 238 2.74 24.97 -5.05
N THR B 239 2.78 24.24 -3.94
CA THR B 239 2.62 24.91 -2.66
C THR B 239 3.90 25.65 -2.29
N ALA B 240 3.76 26.57 -1.34
CA ALA B 240 4.93 27.26 -0.84
C ALA B 240 5.81 26.33 -0.01
N MET B 241 7.13 26.57 -0.05
CA MET B 241 8.03 25.86 0.83
C MET B 241 7.86 26.40 2.25
N ASN B 242 7.72 25.49 3.21
CA ASN B 242 7.48 25.84 4.60
C ASN B 242 8.18 24.82 5.48
N GLY B 243 8.62 25.27 6.65
CA GLY B 243 9.27 24.39 7.59
C GLY B 243 10.53 23.75 7.03
N GLU B 244 11.38 24.57 6.41
CA GLU B 244 12.68 24.08 5.95
C GLU B 244 13.54 23.52 7.07
N ASP B 245 13.11 23.68 8.33
CA ASP B 245 13.91 23.21 9.46
C ASP B 245 13.87 21.69 9.58
N ALA B 246 12.72 21.07 9.28
CA ALA B 246 12.66 19.60 9.32
C ALA B 246 13.62 18.98 8.32
N PHE B 247 13.81 19.64 7.18
CA PHE B 247 14.77 19.21 6.18
C PHE B 247 16.21 19.56 6.55
N SER B 248 16.43 20.32 7.62
CA SER B 248 17.82 20.64 7.98
C SER B 248 18.55 19.40 8.48
N ILE B 249 17.84 18.38 8.94
CA ILE B 249 18.49 17.11 9.28
C ILE B 249 19.01 16.43 8.02
N LEU B 250 18.21 16.41 6.94
CA LEU B 250 18.67 15.80 5.70
C LEU B 250 19.69 16.68 4.98
N ALA B 251 19.54 18.00 5.09
CA ALA B 251 20.53 18.91 4.52
C ALA B 251 21.90 18.67 5.13
N ALA B 252 21.95 18.51 6.45
CA ALA B 252 23.20 18.16 7.10
C ALA B 252 23.71 16.79 6.67
N LYS B 253 22.80 15.81 6.53
CA LYS B 253 23.24 14.45 6.27
C LYS B 253 23.78 14.28 4.86
N THR B 254 23.12 14.89 3.86
CA THR B 254 23.58 14.82 2.48
C THR B 254 24.58 15.90 2.12
N GLY B 255 24.65 16.97 2.90
CA GLY B 255 25.45 18.11 2.51
C GLY B 255 24.83 18.97 1.43
N VAL B 256 23.53 18.83 1.20
CA VAL B 256 22.82 19.53 0.13
C VAL B 256 21.73 20.39 0.74
N CYS B 257 21.81 21.70 0.52
CA CYS B 257 20.82 22.59 1.12
C CYS B 257 19.50 22.55 0.35
N VAL B 258 18.42 22.90 1.05
CA VAL B 258 17.08 22.90 0.46
C VAL B 258 17.03 23.83 -0.75
N GLU B 259 17.77 24.94 -0.70
CA GLU B 259 17.78 25.89 -1.81
C GLU B 259 18.24 25.27 -3.12
N ARG B 260 19.17 24.30 -3.07
CA ARG B 260 19.58 23.62 -4.29
C ARG B 260 18.49 22.69 -4.83
N LEU B 261 17.62 22.20 -3.93
CA LEU B 261 16.53 21.34 -4.37
C LEU B 261 15.37 22.16 -4.94
N LEU B 262 15.09 23.31 -4.32
CA LEU B 262 14.07 24.21 -4.85
C LEU B 262 14.42 24.64 -6.26
N HIS B 263 15.71 24.87 -6.52
CA HIS B 263 16.13 25.21 -7.87
C HIS B 263 15.93 24.04 -8.81
N ALA B 264 16.20 22.81 -8.35
CA ALA B 264 15.96 21.63 -9.17
C ALA B 264 14.48 21.45 -9.49
N ILE B 265 13.58 21.73 -8.54
CA ILE B 265 12.15 21.59 -8.80
C ILE B 265 11.75 22.50 -9.95
N GLN B 266 12.18 23.75 -9.90
CA GLN B 266 11.84 24.71 -10.94
C GLN B 266 12.34 24.25 -12.29
N VAL B 267 13.57 23.73 -12.34
CA VAL B 267 14.12 23.19 -13.59
C VAL B 267 13.40 21.91 -13.99
N LEU B 268 13.28 20.96 -13.06
CA LEU B 268 12.73 19.65 -13.40
C LEU B 268 11.25 19.69 -13.71
N ASN B 269 10.54 20.73 -13.28
CA ASN B 269 9.11 20.84 -13.62
C ASN B 269 8.88 20.91 -15.12
N ASN B 270 9.91 21.22 -15.90
CA ASN B 270 9.78 21.25 -17.35
C ASN B 270 10.03 19.89 -17.99
N GLY B 271 10.29 18.85 -17.19
CA GLY B 271 10.50 17.52 -17.74
C GLY B 271 11.86 16.93 -17.42
N PHE B 272 11.94 15.61 -17.34
CA PHE B 272 13.17 14.92 -17.03
C PHE B 272 14.02 14.64 -18.26
N GLY B 273 13.51 14.90 -19.46
CA GLY B 273 14.24 14.65 -20.69
C GLY B 273 14.70 13.21 -20.84
N GLY B 274 13.78 12.26 -20.70
CA GLY B 274 14.07 10.86 -20.87
C GLY B 274 14.71 10.17 -19.68
N LYS B 275 15.32 10.92 -18.77
CA LYS B 275 15.89 10.32 -17.57
C LYS B 275 14.77 10.00 -16.56
N GLN B 276 15.16 9.29 -15.49
CA GLN B 276 14.26 8.99 -14.40
C GLN B 276 14.94 9.34 -13.08
N ILE B 277 14.12 9.52 -12.04
CA ILE B 277 14.58 9.77 -10.68
C ILE B 277 13.91 8.73 -9.79
N LEU B 278 14.71 7.81 -9.24
CA LEU B 278 14.19 6.71 -8.42
C LEU B 278 13.14 5.90 -9.18
N GLY B 279 13.25 5.87 -10.52
CA GLY B 279 12.32 5.15 -11.35
C GLY B 279 11.15 5.96 -11.88
N TYR B 280 11.02 7.22 -11.48
CA TYR B 280 9.91 8.06 -11.88
C TYR B 280 10.31 8.96 -13.04
N SER B 281 9.35 9.21 -13.92
CA SER B 281 9.58 10.04 -15.11
C SER B 281 9.16 11.50 -14.92
N SER B 282 8.60 11.85 -13.76
CA SER B 282 8.26 13.24 -13.46
C SER B 282 8.32 13.43 -11.95
N LEU B 283 8.26 14.70 -11.53
CA LEU B 283 8.34 15.00 -10.11
C LEU B 283 7.24 14.28 -9.34
N ASN B 284 7.59 13.76 -8.16
CA ASN B 284 6.69 12.97 -7.34
C ASN B 284 6.45 13.67 -6.02
N ASP B 285 5.17 13.92 -5.68
CA ASP B 285 4.84 14.56 -4.41
C ASP B 285 4.07 13.62 -3.47
N GLU B 286 4.19 12.29 -3.70
CA GLU B 286 3.43 11.34 -2.90
C GLU B 286 4.09 10.99 -1.57
N PHE B 287 5.38 11.29 -1.39
CA PHE B 287 6.14 10.88 -0.21
C PHE B 287 6.46 12.08 0.67
N SER B 288 6.06 12.01 1.93
CA SER B 288 6.40 13.03 2.91
C SER B 288 7.81 12.81 3.46
N ILE B 289 8.35 13.85 4.11
CA ILE B 289 9.62 13.71 4.82
C ILE B 289 9.52 12.61 5.88
N ASN B 290 8.37 12.49 6.53
CA ASN B 290 8.18 11.42 7.51
C ASN B 290 8.38 10.05 6.87
N GLU B 291 7.75 9.82 5.69
CA GLU B 291 7.84 8.53 5.03
C GLU B 291 9.25 8.21 4.59
N VAL B 292 9.92 9.18 3.97
CA VAL B 292 11.30 8.98 3.50
C VAL B 292 12.18 8.56 4.66
N VAL B 293 12.08 9.29 5.77
CA VAL B 293 12.95 9.05 6.92
C VAL B 293 12.57 7.75 7.62
N LYS B 294 11.28 7.45 7.70
CA LYS B 294 10.88 6.18 8.29
C LYS B 294 11.39 5.00 7.46
N GLN B 295 11.29 5.09 6.14
CA GLN B 295 11.60 3.93 5.31
C GLN B 295 13.10 3.72 5.15
N MET B 296 13.89 4.79 5.19
CA MET B 296 15.31 4.61 4.93
C MET B 296 16.14 4.58 6.21
N PHE B 297 15.69 5.24 7.27
CA PHE B 297 16.43 5.31 8.51
C PHE B 297 15.71 4.67 9.68
N GLY B 298 14.46 4.23 9.49
CA GLY B 298 13.75 3.53 10.54
C GLY B 298 13.23 4.37 11.68
N VAL B 299 13.27 5.70 11.59
CA VAL B 299 12.87 6.53 12.72
C VAL B 299 11.60 7.28 12.38
N ASN B 300 10.82 7.59 13.42
CA ASN B 300 9.57 8.32 13.29
C ASN B 300 9.77 9.84 13.34
C8 4WI C . 18.06 -5.97 4.24
C3 4WI C . 17.89 -9.46 7.68
C1 4WI C . 21.01 -9.80 6.16
C13 4WI C . 22.63 -9.16 3.65
C21 4WI C . 24.62 -9.53 1.08
C6 4WI C . 19.51 -5.86 6.03
C7 4WI C . 19.68 -4.61 5.16
C10 4WI C . 24.12 -10.29 5.36
C5 4WI C . 18.89 -6.81 5.01
C9 4WI C . 21.71 -10.72 5.32
C11 4WI C . 23.87 -11.56 6.17
C12 4WI C . 22.36 -11.82 6.15
C18 4WI C . 23.29 -12.83 5.49
C19 4WI C . 23.50 -14.15 6.21
C20 4WI C . 23.27 -13.01 3.97
C16 4WI C . 25.20 -6.31 2.95
C17 4WI C . 23.83 -6.80 4.97
C23 4WI C . 22.70 -6.20 2.84
C4 4WI C . 18.03 -7.85 5.74
C2 4WI C . 18.86 -8.71 6.73
C14 4WI C . 23.87 -8.44 3.09
C22 4WI C . 24.38 -9.82 -0.41
C15 4WI C . 23.89 -6.95 3.45
N5 4WI C . 17.48 -8.87 8.82
N2 4WI C . 18.47 -4.69 4.28
N3 4WI C . 22.85 -9.98 4.68
N1 4WI C . 19.69 -9.66 5.97
N4 4WI C . 23.77 -8.67 1.65
O1 4WI C . 17.10 -6.36 3.58
O2 4WI C . 21.64 -9.11 6.96
O3 4WI C . 21.51 -8.99 3.16
O4 4WI C . 25.53 -10.09 1.68
F1 4WI C . 23.06 -10.25 -0.63
F2 4WI C . 24.60 -8.76 -1.13
F3 4WI C . 25.22 -10.79 -0.75
C8 4WI D . -19.02 5.56 -4.96
C3 4WI D . -20.59 5.28 -0.82
C1 4WI D . -22.09 7.70 -2.82
C13 4WI D . -21.65 9.82 -4.83
C21 4WI D . -21.85 12.69 -6.54
C6 4WI D . -17.05 6.25 -4.06
C7 4WI D . -16.82 5.54 -5.35
C10 4WI D . -24.14 9.66 -4.31
C5 4WI D . -18.36 5.54 -3.71
C9 4WI D . -22.46 9.05 -2.67
C11 4WI D . -24.86 9.59 -2.97
C12 4WI D . -23.80 9.21 -1.92
C18 4WI D . -24.47 10.58 -1.87
C19 4WI D . -25.50 10.77 -0.76
C20 4WI D . -23.67 11.86 -2.19
C16 4WI D . -22.19 9.74 -8.68
C17 4WI D . -22.55 7.94 -6.99
C23 4WI D . -20.26 8.85 -7.42
C4 4WI D . -19.01 6.28 -2.53
C2 4WI D . -20.47 5.96 -2.19
C14 4WI D . -22.01 10.30 -6.25
C22 4WI D . -20.98 13.89 -6.86
C15 4WI D . -21.75 9.20 -7.32
N5 4WI D . -20.92 3.98 -0.84
N2 4WI D . -18.14 5.52 -5.96
N3 4WI D . -22.68 9.56 -4.03
N1 4WI D . -21.05 7.31 -2.09
N4 4WI D . -21.24 11.50 -6.55
O1 4WI D . -20.23 5.53 -5.15
O2 4WI D . -22.65 6.97 -3.62
O3 4WI D . -20.47 9.70 -4.48
O4 4WI D . -23.05 12.82 -6.31
F1 4WI D . -20.04 13.89 -5.80
F2 4WI D . -21.45 14.87 -6.71
F3 4WI D . -20.32 13.79 -7.73
#